data_3KJ1
#
_entry.id   3KJ1
#
_cell.length_a   53.066
_cell.length_b   72.007
_cell.length_c   117.845
_cell.angle_alpha   90.000
_cell.angle_beta   90.000
_cell.angle_gamma   90.000
#
_symmetry.space_group_name_H-M   'I 2 2 2'
#
loop_
_entity.id
_entity.type
_entity.pdbx_description
1 polymer 'Induced myeloid leukemia cell differentiation protein Mcl-1'
2 polymer 'Bcl-2-like protein 11'
3 non-polymer 'ZINC ION'
4 non-polymer 'ACETATE ION'
5 non-polymer 'CHLORIDE ION'
6 water water
#
loop_
_entity_poly.entity_id
_entity_poly.type
_entity_poly.pdbx_seq_one_letter_code
_entity_poly.pdbx_strand_id
1 'polypeptide(L)'
;GSDELYRQSLEIISRYLREQATGAKDTKPMGRSGATSRKALETLRRVGDGVQRNHETAFQGMLRKLDIKNEDDVKSLSRV
MIHVFSDGVTNWGRIVTLISFGAFVAKHLKTINQESCIEPLAESITDVLVRTKRDWLVKQRGWDGFVEFFHVEDLEGG
;
A
2 'polypeptide(L)' RPEIWAAQELRRIGDEFNAYYR B
#
loop_
_chem_comp.id
_chem_comp.type
_chem_comp.name
_chem_comp.formula
ACT non-polymer 'ACETATE ION' 'C2 H3 O2 -1'
CL non-polymer 'CHLORIDE ION' 'Cl -1'
ZN non-polymer 'ZINC ION' 'Zn 2'
#
# COMPACT_ATOMS: atom_id res chain seq x y z
N SER A 2 -7.58 19.23 10.66
CA SER A 2 -6.24 19.39 10.11
C SER A 2 -5.31 18.24 10.51
N ASP A 3 -4.99 17.40 9.54
CA ASP A 3 -4.21 16.19 9.81
C ASP A 3 -3.19 15.99 8.70
N GLU A 4 -2.01 16.59 8.85
CA GLU A 4 -1.02 16.61 7.78
C GLU A 4 -0.48 15.20 7.46
N LEU A 5 -0.29 14.37 8.49
CA LEU A 5 0.23 13.03 8.27
C LEU A 5 -0.75 12.22 7.42
N TYR A 6 -2.03 12.34 7.74
CA TYR A 6 -3.05 11.65 6.98
C TYR A 6 -3.10 12.18 5.55
N ARG A 7 -3.13 13.51 5.41
CA ARG A 7 -3.18 14.15 4.09
C ARG A 7 -2.00 13.70 3.22
N GLN A 8 -0.79 13.79 3.78
CA GLN A 8 0.42 13.35 3.09
C GLN A 8 0.38 11.86 2.68
N SER A 9 -0.01 11.00 3.63
CA SER A 9 -0.07 9.56 3.39
C SER A 9 -1.06 9.24 2.28
N LEU A 10 -2.22 9.87 2.31
CA LEU A 10 -3.25 9.64 1.31
C LEU A 10 -2.77 10.11 -0.07
N GLU A 11 -2.02 11.21 -0.10
CA GLU A 11 -1.53 11.74 -1.37
C GLU A 11 -0.52 10.77 -1.98
N ILE A 12 0.42 10.31 -1.17
CA ILE A 12 1.45 9.37 -1.60
C ILE A 12 0.83 8.07 -2.13
N ILE A 13 -0.04 7.46 -1.32
CA ILE A 13 -0.67 6.19 -1.67
C ILE A 13 -1.60 6.31 -2.87
N SER A 14 -2.37 7.39 -2.92
CA SER A 14 -3.30 7.62 -4.05
C SER A 14 -2.55 7.80 -5.36
N ARG A 15 -1.50 8.60 -5.31
CA ARG A 15 -0.68 8.82 -6.49
C ARG A 15 -0.08 7.53 -7.00
N TYR A 16 0.44 6.70 -6.09
CA TYR A 16 1.01 5.42 -6.51
C TYR A 16 -0.07 4.54 -7.14
N LEU A 17 -1.18 4.35 -6.44
CA LEU A 17 -2.28 3.53 -6.95
C LEU A 17 -2.80 4.03 -8.31
N ARG A 18 -2.93 5.34 -8.47
CA ARG A 18 -3.43 5.89 -9.72
C ARG A 18 -2.46 5.69 -10.88
N GLU A 19 -1.16 5.90 -10.63
CA GLU A 19 -0.12 5.66 -11.64
C GLU A 19 -0.15 4.21 -12.09
N GLN A 20 -0.14 3.32 -11.11
CA GLN A 20 -0.15 1.89 -11.39
C GLN A 20 -1.40 1.53 -12.19
N ALA A 21 -2.54 2.06 -11.78
CA ALA A 21 -3.80 1.75 -12.44
C ALA A 21 -3.89 2.30 -13.87
N THR A 22 -3.42 3.52 -14.08
CA THR A 22 -3.56 4.19 -15.37
C THR A 22 -2.33 4.04 -16.28
N GLY A 23 -1.17 3.81 -15.66
CA GLY A 23 0.08 3.67 -16.40
C GLY A 23 0.78 5.00 -16.62
N ALA A 24 0.19 6.08 -16.11
CA ALA A 24 0.69 7.42 -16.37
C ALA A 24 1.03 8.16 -15.09
N LYS A 25 2.15 8.87 -15.09
CA LYS A 25 2.54 9.67 -13.94
C LYS A 25 1.73 10.98 -13.87
N ASP A 26 1.50 11.45 -12.65
CA ASP A 26 0.74 12.67 -12.42
C ASP A 26 1.68 13.87 -12.43
N THR A 27 1.54 14.73 -13.43
CA THR A 27 2.37 15.93 -13.50
C THR A 27 1.65 17.13 -12.87
N LYS A 28 1.52 17.07 -11.55
CA LYS A 28 0.97 18.17 -10.77
C LYS A 28 1.75 18.24 -9.47
N PRO A 29 2.32 19.41 -9.16
CA PRO A 29 3.14 19.56 -7.95
C PRO A 29 2.44 18.98 -6.73
N MET A 30 3.16 18.17 -5.96
CA MET A 30 2.61 17.62 -4.74
C MET A 30 2.45 18.72 -3.70
N GLY A 31 1.48 18.57 -2.81
CA GLY A 31 1.15 19.60 -1.83
C GLY A 31 2.29 19.96 -0.91
N ARG A 32 1.96 20.54 0.24
CA ARG A 32 2.98 20.89 1.23
C ARG A 32 3.82 19.66 1.53
N SER A 33 5.08 19.89 1.89
CA SER A 33 6.11 18.84 1.88
C SER A 33 6.50 18.62 0.42
N GLY A 34 6.12 17.48 -0.14
CA GLY A 34 6.36 17.20 -1.54
C GLY A 34 7.77 16.69 -1.79
N ALA A 35 8.73 17.22 -1.05
CA ALA A 35 10.10 16.74 -1.11
C ALA A 35 10.20 15.31 -0.57
N THR A 36 9.73 15.10 0.66
CA THR A 36 9.66 13.76 1.22
C THR A 36 8.64 12.93 0.46
N SER A 37 7.51 13.55 0.11
CA SER A 37 6.48 12.81 -0.62
C SER A 37 7.00 12.29 -1.94
N ARG A 38 7.79 13.12 -2.66
CA ARG A 38 8.26 12.69 -3.97
C ARG A 38 9.23 11.55 -3.81
N LYS A 39 10.13 11.66 -2.84
CA LYS A 39 11.07 10.58 -2.58
C LYS A 39 10.33 9.32 -2.12
N ALA A 40 9.26 9.48 -1.33
CA ALA A 40 8.46 8.33 -0.90
C ALA A 40 7.79 7.66 -2.09
N LEU A 41 7.24 8.46 -2.99
CA LEU A 41 6.64 7.93 -4.21
C LEU A 41 7.67 7.23 -5.10
N GLU A 42 8.85 7.83 -5.24
CA GLU A 42 9.93 7.20 -5.98
C GLU A 42 10.33 5.88 -5.33
N THR A 43 10.43 5.87 -4.00
CA THR A 43 10.72 4.64 -3.27
C THR A 43 9.64 3.60 -3.51
N LEU A 44 8.39 4.04 -3.45
CA LEU A 44 7.24 3.15 -3.62
C LEU A 44 7.21 2.52 -5.02
N ARG A 45 7.54 3.32 -6.04
CA ARG A 45 7.70 2.78 -7.39
C ARG A 45 8.75 1.67 -7.43
N ARG A 46 9.93 1.95 -6.90
CA ARG A 46 11.02 0.99 -6.92
C ARG A 46 10.69 -0.30 -6.14
N VAL A 47 10.35 -0.14 -4.86
CA VAL A 47 10.17 -1.33 -4.03
C VAL A 47 8.82 -2.01 -4.26
N GLY A 48 7.80 -1.22 -4.54
CA GLY A 48 6.45 -1.74 -4.77
C GLY A 48 6.36 -2.55 -6.05
N ASP A 49 7.03 -2.07 -7.09
CA ASP A 49 7.16 -2.86 -8.30
C ASP A 49 7.91 -4.15 -7.98
N GLY A 50 8.96 -4.07 -7.16
CA GLY A 50 9.72 -5.26 -6.81
C GLY A 50 8.93 -6.31 -6.03
N VAL A 51 8.14 -5.87 -5.05
CA VAL A 51 7.24 -6.78 -4.33
C VAL A 51 6.31 -7.46 -5.28
N GLN A 52 5.77 -6.69 -6.21
CA GLN A 52 4.81 -7.26 -7.14
C GLN A 52 5.52 -8.37 -7.94
N ARG A 53 6.83 -8.22 -8.11
CA ARG A 53 7.66 -9.21 -8.80
C ARG A 53 8.09 -10.39 -7.91
N ASN A 54 7.91 -11.59 -8.44
CA ASN A 54 8.10 -12.82 -7.66
C ASN A 54 6.81 -13.20 -6.95
N HIS A 55 5.93 -12.24 -6.74
CA HIS A 55 4.70 -12.53 -5.98
C HIS A 55 3.44 -12.34 -6.80
N GLU A 56 3.59 -12.32 -8.13
CA GLU A 56 2.44 -12.21 -9.03
C GLU A 56 1.45 -13.35 -8.81
N THR A 57 1.97 -14.56 -8.66
CA THR A 57 1.08 -15.71 -8.47
C THR A 57 0.30 -15.60 -7.16
N ALA A 58 1.00 -15.26 -6.09
CA ALA A 58 0.36 -15.07 -4.79
C ALA A 58 -0.66 -13.94 -4.82
N PHE A 59 -0.28 -12.79 -5.39
CA PHE A 59 -1.19 -11.67 -5.48
C PHE A 59 -2.46 -12.02 -6.27
N GLN A 60 -2.28 -12.64 -7.44
CA GLN A 60 -3.43 -13.11 -8.23
C GLN A 60 -4.31 -14.06 -7.43
N GLY A 61 -3.66 -15.01 -6.76
CA GLY A 61 -4.36 -15.91 -5.86
C GLY A 61 -5.24 -15.19 -4.86
N MET A 62 -4.68 -14.19 -4.19
CA MET A 62 -5.43 -13.44 -3.18
C MET A 62 -6.57 -12.61 -3.76
N LEU A 63 -6.29 -11.94 -4.87
CA LEU A 63 -7.32 -11.16 -5.56
C LEU A 63 -8.54 -12.04 -5.85
N ARG A 64 -8.27 -13.23 -6.39
CA ARG A 64 -9.30 -14.21 -6.72
C ARG A 64 -10.09 -14.64 -5.50
N LYS A 65 -9.40 -15.03 -4.44
CA LYS A 65 -10.03 -15.51 -3.21
C LYS A 65 -10.83 -14.42 -2.49
N LEU A 66 -10.35 -13.19 -2.54
CA LEU A 66 -11.09 -12.08 -1.92
C LEU A 66 -12.27 -11.63 -2.79
N ASP A 67 -12.27 -12.03 -4.06
CA ASP A 67 -13.36 -11.72 -4.97
C ASP A 67 -13.78 -10.25 -4.87
N ILE A 68 -12.83 -9.35 -5.07
CA ILE A 68 -13.13 -7.92 -5.00
C ILE A 68 -13.92 -7.51 -6.24
N LYS A 69 -15.17 -7.14 -6.04
CA LYS A 69 -16.10 -6.99 -7.16
C LYS A 69 -16.17 -5.58 -7.75
N ASN A 70 -15.82 -4.56 -6.96
CA ASN A 70 -15.88 -3.19 -7.45
C ASN A 70 -15.05 -2.21 -6.62
N GLU A 71 -14.91 -0.99 -7.14
CA GLU A 71 -14.10 0.04 -6.54
C GLU A 71 -14.44 0.28 -5.07
N ASP A 72 -15.67 -0.09 -4.67
CA ASP A 72 -16.17 0.20 -3.33
C ASP A 72 -16.04 -0.99 -2.36
N ASP A 73 -15.75 -2.15 -2.91
CA ASP A 73 -15.66 -3.38 -2.13
C ASP A 73 -14.30 -3.49 -1.45
N VAL A 74 -14.13 -2.73 -0.38
CA VAL A 74 -12.83 -2.60 0.28
C VAL A 74 -12.85 -3.09 1.72
N LYS A 75 -14.03 -3.44 2.21
CA LYS A 75 -14.14 -3.88 3.60
C LYS A 75 -13.28 -5.11 3.87
N SER A 76 -13.29 -6.08 2.95
CA SER A 76 -12.53 -7.31 3.15
C SER A 76 -11.03 -7.05 3.19
N LEU A 77 -10.57 -6.10 2.37
CA LEU A 77 -9.16 -5.75 2.36
C LEU A 77 -8.74 -5.08 3.67
N SER A 78 -9.57 -4.19 4.19
N SER A 78 -9.56 -4.18 4.18
CA SER A 78 -9.29 -3.54 5.47
CA SER A 78 -9.30 -3.54 5.48
C SER A 78 -9.17 -4.59 6.60
C SER A 78 -9.15 -4.60 6.57
N ARG A 79 -10.06 -5.58 6.58
CA ARG A 79 -10.03 -6.65 7.58
C ARG A 79 -8.74 -7.45 7.49
N VAL A 80 -8.34 -7.74 6.26
CA VAL A 80 -7.11 -8.49 6.00
C VAL A 80 -5.90 -7.70 6.54
N MET A 81 -5.87 -6.41 6.25
CA MET A 81 -4.76 -5.58 6.71
C MET A 81 -4.68 -5.53 8.25
N ILE A 82 -5.83 -5.35 8.90
CA ILE A 82 -5.87 -5.35 10.37
C ILE A 82 -5.38 -6.70 10.89
N HIS A 83 -5.85 -7.77 10.25
CA HIS A 83 -5.41 -9.11 10.59
C HIS A 83 -3.89 -9.31 10.45
N VAL A 84 -3.30 -8.83 9.36
CA VAL A 84 -1.84 -8.89 9.19
C VAL A 84 -1.09 -8.29 10.40
N PHE A 85 -1.52 -7.12 10.85
CA PHE A 85 -0.90 -6.47 12.00
C PHE A 85 -1.29 -7.02 13.37
N SER A 86 -2.15 -8.03 13.41
CA SER A 86 -2.73 -8.51 14.68
C SER A 86 -1.80 -9.37 15.54
N ASP A 87 -0.64 -9.74 15.01
CA ASP A 87 0.40 -10.40 15.79
C ASP A 87 1.23 -9.38 16.58
N GLY A 88 0.92 -8.11 16.37
CA GLY A 88 1.56 -7.04 17.09
C GLY A 88 2.86 -6.56 16.48
N VAL A 89 3.17 -7.05 15.29
CA VAL A 89 4.42 -6.67 14.63
C VAL A 89 4.12 -5.59 13.59
N THR A 90 4.93 -4.54 13.58
CA THR A 90 4.81 -3.48 12.58
C THR A 90 6.15 -3.21 11.92
N ASN A 91 6.17 -3.21 10.59
CA ASN A 91 7.41 -2.82 9.89
C ASN A 91 7.09 -2.29 8.50
N TRP A 92 8.07 -1.69 7.84
CA TRP A 92 7.87 -1.08 6.54
C TRP A 92 7.71 -2.13 5.43
N GLY A 93 8.32 -3.30 5.60
CA GLY A 93 8.13 -4.36 4.62
C GLY A 93 6.66 -4.77 4.53
N ARG A 94 6.01 -4.91 5.68
CA ARG A 94 4.57 -5.23 5.67
C ARG A 94 3.77 -4.11 5.03
N ILE A 95 4.11 -2.89 5.39
CA ILE A 95 3.36 -1.73 4.92
C ILE A 95 3.47 -1.59 3.39
N VAL A 96 4.70 -1.70 2.88
CA VAL A 96 4.90 -1.55 1.43
C VAL A 96 4.22 -2.69 0.67
N THR A 97 4.18 -3.87 1.29
CA THR A 97 3.53 -5.02 0.67
C THR A 97 2.03 -4.80 0.57
N LEU A 98 1.43 -4.24 1.63
CA LEU A 98 0.01 -3.94 1.62
C LEU A 98 -0.32 -2.89 0.57
N ILE A 99 0.52 -1.87 0.48
CA ILE A 99 0.30 -0.83 -0.51
C ILE A 99 0.48 -1.38 -1.92
N SER A 100 1.52 -2.20 -2.12
CA SER A 100 1.75 -2.85 -3.41
C SER A 100 0.59 -3.75 -3.82
N PHE A 101 0.03 -4.49 -2.86
CA PHE A 101 -1.13 -5.29 -3.17
C PHE A 101 -2.31 -4.40 -3.55
N GLY A 102 -2.45 -3.26 -2.88
CA GLY A 102 -3.48 -2.30 -3.23
C GLY A 102 -3.35 -1.85 -4.68
N ALA A 103 -2.13 -1.58 -5.13
CA ALA A 103 -1.89 -1.21 -6.53
C ALA A 103 -2.24 -2.38 -7.48
N PHE A 104 -1.95 -3.60 -7.06
CA PHE A 104 -2.30 -4.79 -7.85
C PHE A 104 -3.81 -4.88 -8.07
N VAL A 105 -4.56 -4.69 -6.99
CA VAL A 105 -6.01 -4.71 -7.05
C VAL A 105 -6.51 -3.57 -7.96
N ALA A 106 -5.97 -2.38 -7.76
CA ALA A 106 -6.34 -1.22 -8.56
C ALA A 106 -6.16 -1.47 -10.07
N LYS A 107 -5.02 -2.03 -10.45
CA LYS A 107 -4.80 -2.39 -11.85
C LYS A 107 -5.90 -3.31 -12.36
N HIS A 108 -6.25 -4.32 -11.59
CA HIS A 108 -7.22 -5.31 -12.00
C HIS A 108 -8.64 -4.71 -12.12
N LEU A 109 -8.95 -3.77 -11.22
CA LEU A 109 -10.24 -3.11 -11.27
C LEU A 109 -10.39 -2.21 -12.50
N LYS A 110 -9.28 -1.65 -12.94
CA LYS A 110 -9.24 -0.81 -14.15
C LYS A 110 -9.49 -1.60 -15.42
N THR A 111 -9.07 -2.87 -15.44
CA THR A 111 -9.30 -3.72 -16.60
C THR A 111 -10.77 -4.08 -16.71
N ILE A 112 -11.40 -4.41 -15.58
CA ILE A 112 -12.82 -4.73 -15.56
C ILE A 112 -13.67 -3.51 -15.87
N ASN A 113 -13.29 -2.37 -15.30
CA ASN A 113 -13.99 -1.12 -15.54
C ASN A 113 -13.01 0.04 -15.60
N GLN A 114 -12.79 0.56 -16.81
CA GLN A 114 -11.81 1.62 -17.02
C GLN A 114 -12.20 2.95 -16.37
N GLU A 115 -13.38 3.00 -15.77
CA GLU A 115 -13.88 4.21 -15.12
C GLU A 115 -13.81 4.08 -13.59
N SER A 116 -13.09 3.07 -13.13
CA SER A 116 -12.97 2.80 -11.70
C SER A 116 -12.11 3.85 -10.98
N CYS A 117 -12.63 4.38 -9.86
CA CYS A 117 -11.89 5.29 -8.99
C CYS A 117 -10.96 4.45 -8.06
N ILE A 118 -9.70 4.84 -7.92
CA ILE A 118 -8.79 4.18 -6.97
C ILE A 118 -8.91 4.72 -5.55
N GLU A 119 -9.72 5.77 -5.38
CA GLU A 119 -9.77 6.46 -4.10
C GLU A 119 -10.32 5.64 -2.93
N PRO A 120 -11.42 4.90 -3.12
CA PRO A 120 -11.88 4.08 -1.99
C PRO A 120 -10.79 3.14 -1.46
N LEU A 121 -10.08 2.48 -2.36
CA LEU A 121 -8.98 1.59 -1.98
C LEU A 121 -7.86 2.35 -1.26
N ALA A 122 -7.44 3.47 -1.84
CA ALA A 122 -6.37 4.26 -1.25
C ALA A 122 -6.78 4.79 0.13
N GLU A 123 -8.04 5.21 0.26
CA GLU A 123 -8.54 5.70 1.54
C GLU A 123 -8.60 4.59 2.59
N SER A 124 -8.91 3.38 2.16
CA SER A 124 -9.01 2.25 3.06
C SER A 124 -7.64 1.86 3.61
N ILE A 125 -6.65 1.87 2.73
CA ILE A 125 -5.29 1.53 3.12
C ILE A 125 -4.71 2.63 4.03
N THR A 126 -4.91 3.88 3.63
CA THR A 126 -4.35 4.99 4.39
C THR A 126 -4.96 5.01 5.80
N ASP A 127 -6.26 4.78 5.86
CA ASP A 127 -6.97 4.71 7.15
C ASP A 127 -6.34 3.68 8.11
N VAL A 128 -6.10 2.46 7.63
CA VAL A 128 -5.45 1.44 8.46
C VAL A 128 -4.08 1.89 8.92
N LEU A 129 -3.27 2.34 7.98
CA LEU A 129 -1.91 2.76 8.32
C LEU A 129 -1.88 3.95 9.32
N VAL A 130 -2.54 5.05 8.98
CA VAL A 130 -2.40 6.26 9.75
C VAL A 130 -3.15 6.16 11.08
N ARG A 131 -4.38 5.66 11.04
CA ARG A 131 -5.20 5.57 12.23
C ARG A 131 -4.65 4.50 13.20
N THR A 132 -4.33 3.32 12.70
CA THR A 132 -3.91 2.26 13.62
C THR A 132 -2.42 2.27 13.96
N LYS A 133 -1.60 2.95 13.15
CA LYS A 133 -0.15 3.04 13.44
C LYS A 133 0.31 4.48 13.63
N ARG A 134 -0.61 5.36 14.01
CA ARG A 134 -0.30 6.78 14.16
C ARG A 134 1.01 7.09 14.89
N ASP A 135 1.12 6.64 16.14
CA ASP A 135 2.28 7.02 16.95
C ASP A 135 3.56 6.34 16.47
N TRP A 136 3.43 5.12 15.96
CA TRP A 136 4.57 4.41 15.35
C TRP A 136 5.12 5.23 14.15
N LEU A 137 4.23 5.77 13.33
CA LEU A 137 4.64 6.62 12.21
C LEU A 137 5.25 7.93 12.69
N VAL A 138 4.58 8.59 13.65
CA VAL A 138 5.06 9.88 14.15
C VAL A 138 6.47 9.75 14.70
N LYS A 139 6.74 8.70 15.47
CA LYS A 139 8.01 8.60 16.17
C LYS A 139 9.18 8.68 15.18
N GLN A 140 8.87 8.32 13.94
CA GLN A 140 9.82 7.98 12.91
C GLN A 140 9.87 9.05 11.85
N ARG A 141 9.31 10.21 12.18
CA ARG A 141 9.07 11.29 11.21
C ARG A 141 8.37 10.76 9.96
N GLY A 142 7.38 9.90 10.17
CA GLY A 142 6.45 9.49 9.14
C GLY A 142 7.17 8.86 7.96
N TRP A 143 6.95 9.42 6.79
CA TRP A 143 7.50 8.86 5.55
C TRP A 143 9.01 8.89 5.43
N ASP A 144 9.68 9.71 6.23
CA ASP A 144 11.14 9.64 6.28
C ASP A 144 11.61 8.23 6.73
N GLY A 145 10.88 7.62 7.64
CA GLY A 145 11.24 6.26 8.06
C GLY A 145 11.22 5.29 6.89
N PHE A 146 10.18 5.39 6.07
CA PHE A 146 10.01 4.60 4.85
C PHE A 146 11.15 4.85 3.87
N VAL A 147 11.38 6.13 3.56
CA VAL A 147 12.46 6.52 2.65
C VAL A 147 13.80 5.96 3.08
N GLU A 148 14.14 6.13 4.36
CA GLU A 148 15.45 5.69 4.84
C GLU A 148 15.54 4.16 4.92
N PHE A 149 14.44 3.51 5.28
CA PHE A 149 14.49 2.05 5.41
C PHE A 149 14.84 1.41 4.08
N PHE A 150 14.27 1.95 3.01
CA PHE A 150 14.45 1.39 1.69
C PHE A 150 15.53 2.09 0.85
N HIS A 151 16.28 2.98 1.50
CA HIS A 151 17.30 3.74 0.81
C HIS A 151 18.43 2.84 0.34
N VAL A 152 18.75 2.94 -0.96
CA VAL A 152 19.88 2.22 -1.53
C VAL A 152 20.85 3.19 -2.19
N GLU A 153 22.13 2.82 -2.26
CA GLU A 153 23.16 3.69 -2.83
C GLU A 153 23.33 3.48 -4.34
N ARG B 1 -10.66 -19.88 5.71
CA ARG B 1 -11.24 -18.65 5.19
C ARG B 1 -10.25 -17.94 4.27
N PRO B 2 -10.76 -17.38 3.16
CA PRO B 2 -9.91 -16.67 2.20
C PRO B 2 -9.24 -15.46 2.80
N GLU B 3 -9.89 -14.83 3.78
CA GLU B 3 -9.36 -13.61 4.38
C GLU B 3 -8.20 -13.88 5.32
N ILE B 4 -8.27 -14.99 6.07
CA ILE B 4 -7.19 -15.42 6.93
C ILE B 4 -5.98 -15.86 6.10
N TRP B 5 -6.25 -16.55 5.00
CA TRP B 5 -5.18 -17.00 4.12
C TRP B 5 -4.48 -15.80 3.46
N ALA B 6 -5.26 -14.82 3.01
CA ALA B 6 -4.68 -13.62 2.41
C ALA B 6 -3.78 -12.87 3.40
N ALA B 7 -4.23 -12.77 4.65
CA ALA B 7 -3.42 -12.11 5.67
C ALA B 7 -2.13 -12.87 5.92
N GLN B 8 -2.21 -14.19 6.03
CA GLN B 8 -1.02 -15.01 6.22
C GLN B 8 -0.02 -14.78 5.05
N GLU B 9 -0.56 -14.71 3.83
CA GLU B 9 0.27 -14.56 2.63
C GLU B 9 0.93 -13.17 2.60
N LEU B 10 0.16 -12.12 2.87
CA LEU B 10 0.69 -10.75 2.85
C LEU B 10 1.70 -10.54 3.97
N ARG B 11 1.43 -11.13 5.12
CA ARG B 11 2.39 -11.08 6.20
C ARG B 11 3.72 -11.79 5.87
N ARG B 12 3.64 -12.97 5.26
CA ARG B 12 4.83 -13.70 4.83
C ARG B 12 5.66 -12.82 3.91
N ILE B 13 5.02 -12.23 2.89
CA ILE B 13 5.74 -11.45 1.88
C ILE B 13 6.28 -10.18 2.53
N GLY B 14 5.46 -9.57 3.37
CA GLY B 14 5.85 -8.35 4.06
C GLY B 14 7.07 -8.52 4.92
N ASP B 15 7.12 -9.60 5.70
CA ASP B 15 8.27 -9.85 6.58
C ASP B 15 9.51 -10.24 5.78
N GLU B 16 9.29 -10.94 4.67
CA GLU B 16 10.38 -11.31 3.77
C GLU B 16 11.04 -10.04 3.23
N PHE B 17 10.21 -9.10 2.79
CA PHE B 17 10.72 -7.85 2.23
C PHE B 17 11.38 -7.00 3.29
N ASN B 18 10.82 -7.02 4.50
CA ASN B 18 11.45 -6.30 5.58
C ASN B 18 12.83 -6.86 5.86
N ALA B 19 12.90 -8.17 6.02
CA ALA B 19 14.18 -8.84 6.29
C ALA B 19 15.20 -8.55 5.19
N TYR B 20 14.73 -8.50 3.95
CA TYR B 20 15.60 -8.20 2.81
C TYR B 20 16.32 -6.84 2.96
N TYR B 21 15.58 -5.80 3.30
CA TYR B 21 16.17 -4.46 3.42
C TYR B 21 16.75 -4.20 4.80
N ARG B 22 16.35 -5.04 5.74
CA ARG B 22 17.02 -5.20 7.03
C ARG B 22 16.34 -4.45 8.15
ZN ZN C . -4.83 -14.97 12.51
ZN ZN D . -13.17 9.62 -1.35
ZN ZN E . 15.79 10.97 6.01
ZN ZN F . -6.00 -8.79 -13.29
C ACT G . -2.59 -15.20 10.53
O ACT G . -2.29 -16.42 10.64
OXT ACT G . -3.38 -14.82 11.39
CH3 ACT G . -2.07 -14.26 9.48
CL CL H . -9.46 -0.84 13.66
ZN ZN I . 1.19 -19.12 0.51
#